data_1PDH
#
_entry.id   1PDH
#
_cell.length_a   72.100
_cell.length_b   146.400
_cell.length_c   88.450
_cell.angle_alpha   90.00
_cell.angle_beta   90.00
_cell.angle_gamma   90.00
#
_symmetry.space_group_name_H-M   'C 2 2 21'
#
loop_
_entity.id
_entity.type
_entity.pdbx_description
1 polymer 'P-HYDROXYBENZOATE HYDROXYLASE'
2 non-polymer 'ARABINO-FLAVIN-ADENINE DINUCLEOTIDE'
3 non-polymer 'P-HYDROXYBENZOIC ACID'
4 water water
#
_entity_poly.entity_id   1
_entity_poly.type   'polypeptide(L)'
_entity_poly.pdbx_seq_one_letter_code
;MKTQVAIIGAGPSGLLLGQLLHKAGIDNVILERQTPDYVLGRIRAGVLEQGMVDLLREAGVDRRMARDGLVHEGVEIAFA
GQRRRIDLKRLSGGKTVTVYGQTEVTRDLMEAREACGATTVYQAAEVRLHDLQGERPYVTFERDGERLRLDCDYIAGCDG
FHGISRQSIPAERLKVFERVYPFGWLGLLADTPPVSHELIYANHPRGFALCSQRSATRSRYYVQVPLTEKVEDWSDERFW
TELKARLPAEVAEKLVTGPSLEKSIAPLRSFVVEPMQHGRLFLAGDAAHIVPPTGAKGLNLAASDVSTLYRLLLKAYREG
RGELLERYSAICLRRIWKAERFSWWMTSVLHRFPDTDAFSQRIQQTELEYYLGSEAGLATIAENYVGLPYEEIE
;
_entity_poly.pdbx_strand_id   A
#
# COMPACT_ATOMS: atom_id res chain seq x y z
N MET A 1 14.04 19.27 22.34
CA MET A 1 12.75 18.58 22.63
C MET A 1 12.96 17.06 22.80
N LYS A 2 12.01 16.41 23.45
CA LYS A 2 12.11 14.98 23.68
C LYS A 2 10.74 14.35 23.51
N THR A 3 10.73 13.08 23.13
CA THR A 3 9.48 12.35 22.97
C THR A 3 9.80 10.91 23.25
N GLN A 4 8.81 10.03 23.19
CA GLN A 4 9.07 8.63 23.43
C GLN A 4 9.38 7.95 22.09
N VAL A 5 8.46 8.07 21.14
CA VAL A 5 8.66 7.48 19.81
C VAL A 5 8.70 8.56 18.72
N ALA A 6 9.81 8.63 18.00
CA ALA A 6 9.98 9.58 16.90
C ALA A 6 9.56 8.85 15.63
N ILE A 7 8.67 9.46 14.86
CA ILE A 7 8.17 8.85 13.64
C ILE A 7 8.58 9.68 12.44
N ILE A 8 9.33 9.08 11.51
CA ILE A 8 9.77 9.77 10.31
C ILE A 8 8.80 9.48 9.19
N GLY A 9 8.10 10.51 8.73
CA GLY A 9 7.17 10.32 7.64
C GLY A 9 5.71 10.41 8.05
N ALA A 10 4.97 11.21 7.30
CA ALA A 10 3.56 11.41 7.57
C ALA A 10 2.63 10.89 6.50
N GLY A 11 2.93 9.70 5.99
CA GLY A 11 2.05 9.07 5.02
C GLY A 11 1.14 8.21 5.91
N PRO A 12 0.36 7.28 5.35
CA PRO A 12 -0.52 6.44 6.19
C PRO A 12 0.18 5.64 7.31
N SER A 13 1.38 5.12 7.05
CA SER A 13 2.12 4.34 8.04
C SER A 13 2.40 5.14 9.31
N GLY A 14 3.10 6.27 9.17
CA GLY A 14 3.43 7.09 10.32
C GLY A 14 2.23 7.67 11.06
N LEU A 15 1.25 8.15 10.29
CA LEU A 15 0.04 8.73 10.88
C LEU A 15 -0.74 7.67 11.64
N LEU A 16 -0.86 6.48 11.07
CA LEU A 16 -1.58 5.39 11.73
C LEU A 16 -0.85 4.98 13.02
N LEU A 17 0.46 4.81 12.93
CA LEU A 17 1.24 4.45 14.10
C LEU A 17 1.13 5.54 15.16
N GLY A 18 1.21 6.79 14.74
CA GLY A 18 1.15 7.89 15.68
C GLY A 18 -0.18 8.03 16.40
N GLN A 19 -1.27 7.70 15.71
CA GLN A 19 -2.61 7.82 16.31
C GLN A 19 -2.86 6.72 17.33
N LEU A 20 -2.46 5.50 16.99
CA LEU A 20 -2.60 4.36 17.87
C LEU A 20 -1.79 4.57 19.13
N LEU A 21 -0.55 5.03 18.97
CA LEU A 21 0.32 5.27 20.12
C LEU A 21 -0.23 6.39 20.99
N HIS A 22 -0.70 7.45 20.33
CA HIS A 22 -1.26 8.57 21.06
C HIS A 22 -2.40 8.10 21.95
N LYS A 23 -3.35 7.40 21.34
CA LYS A 23 -4.50 6.87 22.07
C LYS A 23 -4.13 5.93 23.22
N ALA A 24 -2.98 5.29 23.11
CA ALA A 24 -2.52 4.37 24.14
C ALA A 24 -1.68 5.13 25.18
N GLY A 25 -1.56 6.44 25.01
CA GLY A 25 -0.79 7.24 25.95
C GLY A 25 0.71 7.28 25.75
N ILE A 26 1.20 6.81 24.61
CA ILE A 26 2.62 6.82 24.31
C ILE A 26 2.92 8.03 23.40
N ASP A 27 3.67 8.98 23.93
CA ASP A 27 3.97 10.18 23.18
C ASP A 27 4.83 9.92 21.98
N ASN A 28 4.51 10.63 20.90
CA ASN A 28 5.20 10.49 19.62
C ASN A 28 5.18 11.80 18.84
N VAL A 29 6.25 12.03 18.07
CA VAL A 29 6.38 13.24 17.24
C VAL A 29 6.54 12.72 15.82
N ILE A 30 5.83 13.32 14.88
CA ILE A 30 5.98 12.93 13.49
C ILE A 30 6.73 14.03 12.74
N LEU A 31 7.75 13.63 11.97
CA LEU A 31 8.55 14.55 11.14
C LEU A 31 8.28 14.24 9.66
N GLU A 32 7.82 15.23 8.91
CA GLU A 32 7.53 15.04 7.50
C GLU A 32 8.27 16.07 6.65
N ARG A 33 8.94 15.58 5.61
CA ARG A 33 9.69 16.42 4.68
C ARG A 33 8.82 17.42 3.88
N GLN A 34 7.65 16.98 3.43
CA GLN A 34 6.73 17.80 2.64
C GLN A 34 5.71 18.57 3.45
N THR A 35 4.80 19.21 2.74
CA THR A 35 3.73 19.97 3.37
C THR A 35 2.49 19.08 3.38
N PRO A 36 1.49 19.41 4.21
CA PRO A 36 0.24 18.65 4.30
C PRO A 36 -0.42 18.50 2.92
N ASP A 37 -0.41 19.60 2.17
CA ASP A 37 -1.01 19.65 0.84
C ASP A 37 -0.37 18.68 -0.14
N TYR A 38 0.95 18.60 -0.09
CA TYR A 38 1.68 17.71 -0.98
C TYR A 38 1.32 16.26 -0.68
N VAL A 39 1.22 15.91 0.60
CA VAL A 39 0.87 14.54 0.99
C VAL A 39 -0.53 14.18 0.51
N LEU A 40 -1.46 15.12 0.66
CA LEU A 40 -2.84 14.89 0.26
C LEU A 40 -3.05 14.86 -1.25
N GLY A 41 -2.02 15.23 -2.00
CA GLY A 41 -2.12 15.22 -3.44
C GLY A 41 -1.93 13.84 -4.03
N ARG A 42 -1.35 12.92 -3.26
CA ARG A 42 -1.11 11.56 -3.72
C ARG A 42 -2.40 10.73 -3.77
N ILE A 43 -2.65 10.07 -4.90
CA ILE A 43 -3.84 9.24 -5.08
C ILE A 43 -3.63 7.81 -4.54
N ARG A 44 -2.75 7.07 -5.18
CA ARG A 44 -2.39 5.72 -4.76
C ARG A 44 -3.48 4.64 -4.59
N ALA A 45 -3.35 3.83 -3.53
CA ALA A 45 -4.24 2.70 -3.24
C ALA A 45 -5.71 2.99 -2.96
N GLY A 46 -6.52 1.96 -3.10
CA GLY A 46 -7.95 2.09 -2.85
C GLY A 46 -8.62 0.88 -2.23
N VAL A 47 -7.87 -0.21 -1.97
CA VAL A 47 -8.46 -1.42 -1.40
C VAL A 47 -7.88 -1.75 -0.03
N LEU A 48 -8.74 -1.86 0.98
CA LEU A 48 -8.35 -2.16 2.35
C LEU A 48 -8.80 -3.54 2.81
N GLU A 49 -7.88 -4.26 3.47
CA GLU A 49 -8.17 -5.56 4.05
C GLU A 49 -8.92 -5.29 5.35
N GLN A 50 -9.63 -6.30 5.87
CA GLN A 50 -10.38 -6.14 7.11
C GLN A 50 -9.46 -5.78 8.27
N GLY A 51 -8.25 -6.34 8.27
CA GLY A 51 -7.31 -6.04 9.34
C GLY A 51 -7.03 -4.55 9.45
N MET A 52 -6.87 -3.89 8.31
CA MET A 52 -6.62 -2.46 8.31
C MET A 52 -7.88 -1.70 8.72
N VAL A 53 -9.03 -2.14 8.23
CA VAL A 53 -10.30 -1.53 8.60
C VAL A 53 -10.45 -1.55 10.13
N ASP A 54 -10.17 -2.70 10.74
CA ASP A 54 -10.27 -2.83 12.20
C ASP A 54 -9.25 -1.97 12.92
N LEU A 55 -8.07 -1.83 12.32
CA LEU A 55 -7.02 -1.01 12.91
C LEU A 55 -7.44 0.46 12.89
N LEU A 56 -8.14 0.89 11.84
CA LEU A 56 -8.61 2.26 11.73
C LEU A 56 -9.65 2.54 12.79
N ARG A 57 -10.51 1.55 13.01
CA ARG A 57 -11.56 1.66 14.03
C ARG A 57 -10.89 1.75 15.40
N GLU A 58 -9.84 0.95 15.60
CA GLU A 58 -9.10 0.95 16.86
C GLU A 58 -8.40 2.29 17.10
N ALA A 59 -7.90 2.93 16.04
CA ALA A 59 -7.24 4.23 16.15
C ALA A 59 -8.31 5.33 16.31
N GLY A 60 -9.57 4.93 16.22
CA GLY A 60 -10.69 5.84 16.38
C GLY A 60 -10.92 6.75 15.20
N VAL A 61 -10.52 6.31 14.02
CA VAL A 61 -10.65 7.11 12.81
C VAL A 61 -11.40 6.32 11.75
N ASP A 62 -12.65 5.96 12.05
CA ASP A 62 -13.42 5.16 11.11
C ASP A 62 -14.82 5.67 10.74
N ARG A 63 -15.21 6.83 11.25
CA ARG A 63 -16.56 7.36 10.98
C ARG A 63 -16.84 7.55 9.49
N ARG A 64 -16.00 8.33 8.82
CA ARG A 64 -16.17 8.56 7.40
C ARG A 64 -15.95 7.29 6.62
N MET A 65 -15.05 6.44 7.08
CA MET A 65 -14.81 5.20 6.37
C MET A 65 -16.06 4.34 6.41
N ALA A 66 -16.63 4.19 7.61
CA ALA A 66 -17.81 3.38 7.80
C ALA A 66 -18.96 3.93 6.97
N ARG A 67 -18.96 5.24 6.80
CA ARG A 67 -20.00 5.90 6.03
C ARG A 67 -19.81 5.81 4.51
N ASP A 68 -18.61 6.14 4.05
CA ASP A 68 -18.30 6.19 2.61
C ASP A 68 -17.61 4.98 2.00
N GLY A 69 -16.98 4.16 2.82
CA GLY A 69 -16.30 2.99 2.28
C GLY A 69 -17.28 2.05 1.61
N LEU A 70 -16.82 1.36 0.57
CA LEU A 70 -17.68 0.42 -0.14
C LEU A 70 -17.17 -0.98 0.17
N VAL A 71 -18.05 -1.84 0.69
CA VAL A 71 -17.66 -3.20 1.01
C VAL A 71 -17.87 -4.07 -0.22
N HIS A 72 -16.82 -4.75 -0.68
CA HIS A 72 -16.92 -5.61 -1.85
C HIS A 72 -16.83 -7.07 -1.46
N GLU A 73 -17.71 -7.89 -2.04
CA GLU A 73 -17.76 -9.31 -1.75
C GLU A 73 -17.16 -10.16 -2.86
N GLY A 74 -16.81 -9.52 -3.96
CA GLY A 74 -16.24 -10.24 -5.08
C GLY A 74 -15.38 -9.35 -5.95
N VAL A 75 -14.74 -9.97 -6.94
CA VAL A 75 -13.85 -9.29 -7.87
C VAL A 75 -13.87 -10.14 -9.14
N GLU A 76 -13.71 -9.53 -10.30
CA GLU A 76 -13.71 -10.28 -11.55
C GLU A 76 -12.36 -10.29 -12.23
N ILE A 77 -12.13 -11.35 -12.99
CA ILE A 77 -10.92 -11.48 -13.78
C ILE A 77 -11.40 -11.84 -15.18
N ALA A 78 -11.04 -11.00 -16.14
CA ALA A 78 -11.40 -11.21 -17.54
C ALA A 78 -10.16 -11.63 -18.32
N PHE A 79 -10.28 -12.71 -19.08
CA PHE A 79 -9.19 -13.21 -19.89
C PHE A 79 -9.78 -14.06 -20.99
N ALA A 80 -9.06 -14.15 -22.11
CA ALA A 80 -9.42 -14.96 -23.27
C ALA A 80 -10.91 -14.97 -23.63
N GLY A 81 -11.49 -13.78 -23.68
CA GLY A 81 -12.92 -13.68 -24.01
C GLY A 81 -13.90 -14.16 -22.94
N GLN A 82 -13.58 -13.99 -21.65
CA GLN A 82 -14.50 -14.40 -20.61
C GLN A 82 -14.25 -13.64 -19.33
N ARG A 83 -15.28 -13.54 -18.51
CA ARG A 83 -15.19 -12.82 -17.25
C ARG A 83 -15.51 -13.84 -16.16
N ARG A 84 -14.62 -13.95 -15.18
CA ARG A 84 -14.78 -14.90 -14.09
C ARG A 84 -14.84 -14.11 -12.79
N ARG A 85 -15.89 -14.32 -12.01
CA ARG A 85 -16.01 -13.62 -10.74
C ARG A 85 -15.54 -14.52 -9.60
N ILE A 86 -14.73 -13.99 -8.70
CA ILE A 86 -14.29 -14.75 -7.55
C ILE A 86 -15.19 -14.25 -6.41
N ASP A 87 -15.95 -15.15 -5.81
CA ASP A 87 -16.83 -14.82 -4.70
C ASP A 87 -15.92 -14.86 -3.49
N LEU A 88 -15.39 -13.71 -3.12
CA LEU A 88 -14.46 -13.61 -2.00
C LEU A 88 -15.07 -13.99 -0.66
N LYS A 89 -16.30 -13.55 -0.42
CA LYS A 89 -16.98 -13.84 0.82
C LYS A 89 -17.22 -15.33 1.01
N ARG A 90 -17.75 -15.98 -0.01
CA ARG A 90 -18.01 -17.40 0.06
C ARG A 90 -16.72 -18.20 0.16
N LEU A 91 -15.77 -17.90 -0.72
CA LEU A 91 -14.52 -18.62 -0.78
C LEU A 91 -13.53 -18.38 0.35
N SER A 92 -13.64 -17.25 1.04
CA SER A 92 -12.72 -16.97 2.13
C SER A 92 -13.31 -17.29 3.50
N GLY A 93 -14.55 -17.73 3.53
CA GLY A 93 -15.19 -18.03 4.80
C GLY A 93 -15.84 -16.81 5.43
N GLY A 94 -16.42 -15.98 4.58
CA GLY A 94 -17.12 -14.78 5.05
C GLY A 94 -16.36 -13.47 5.11
N LYS A 95 -15.10 -13.43 4.71
CA LYS A 95 -14.33 -12.18 4.73
C LYS A 95 -14.55 -11.35 3.45
N THR A 96 -14.38 -10.04 3.56
CA THR A 96 -14.55 -9.14 2.43
C THR A 96 -13.43 -8.10 2.46
N VAL A 97 -13.44 -7.18 1.50
CA VAL A 97 -12.47 -6.09 1.46
C VAL A 97 -13.28 -4.79 1.35
N THR A 98 -12.69 -3.68 1.76
CA THR A 98 -13.35 -2.38 1.70
C THR A 98 -12.64 -1.43 0.75
N VAL A 99 -13.39 -0.82 -0.16
CA VAL A 99 -12.82 0.15 -1.07
C VAL A 99 -12.98 1.54 -0.46
N TYR A 100 -11.86 2.14 -0.07
CA TYR A 100 -11.82 3.48 0.52
C TYR A 100 -10.41 4.01 0.21
N GLY A 101 -10.36 5.09 -0.57
CA GLY A 101 -9.09 5.65 -0.99
C GLY A 101 -8.07 5.97 0.06
N GLN A 102 -6.80 5.76 -0.31
CA GLN A 102 -5.68 6.05 0.58
C GLN A 102 -5.63 7.54 0.90
N THR A 103 -6.00 8.38 -0.07
CA THR A 103 -6.01 9.83 0.13
C THR A 103 -6.99 10.16 1.24
N GLU A 104 -8.13 9.47 1.22
CA GLU A 104 -9.19 9.66 2.21
C GLU A 104 -8.73 9.20 3.57
N VAL A 105 -8.09 8.03 3.62
CA VAL A 105 -7.59 7.49 4.88
C VAL A 105 -6.60 8.48 5.50
N THR A 106 -5.69 9.00 4.68
CA THR A 106 -4.66 9.95 5.12
C THR A 106 -5.27 11.24 5.66
N ARG A 107 -6.30 11.73 4.98
CA ARG A 107 -7.01 12.95 5.38
C ARG A 107 -7.72 12.73 6.71
N ASP A 108 -8.32 11.55 6.88
CA ASP A 108 -9.01 11.23 8.12
C ASP A 108 -8.05 11.23 9.27
N LEU A 109 -6.88 10.61 9.07
CA LEU A 109 -5.84 10.53 10.10
C LEU A 109 -5.24 11.89 10.43
N MET A 110 -4.99 12.69 9.42
CA MET A 110 -4.42 14.02 9.62
C MET A 110 -5.34 14.89 10.47
N GLU A 111 -6.66 14.76 10.23
CA GLU A 111 -7.67 15.48 10.99
C GLU A 111 -7.66 15.04 12.46
N ALA A 112 -7.71 13.73 12.65
CA ALA A 112 -7.68 13.17 14.00
C ALA A 112 -6.45 13.65 14.77
N ARG A 113 -5.28 13.64 14.11
CA ARG A 113 -4.05 14.05 14.76
C ARG A 113 -4.07 15.52 15.13
N GLU A 114 -4.54 16.34 14.18
CA GLU A 114 -4.62 17.78 14.39
C GLU A 114 -5.50 18.08 15.58
N ALA A 115 -6.66 17.40 15.63
CA ALA A 115 -7.61 17.58 16.72
C ALA A 115 -7.09 17.15 18.09
N CYS A 116 -6.33 16.07 18.16
CA CYS A 116 -5.85 15.62 19.46
C CYS A 116 -4.65 16.41 19.96
N GLY A 117 -4.06 17.23 19.10
CA GLY A 117 -2.92 18.04 19.50
C GLY A 117 -1.57 17.37 19.55
N ALA A 118 -1.44 16.17 18.97
CA ALA A 118 -0.16 15.48 18.96
C ALA A 118 0.82 16.26 18.08
N THR A 119 2.10 16.15 18.35
CA THR A 119 3.12 16.88 17.60
C THR A 119 3.41 16.38 16.17
N THR A 120 3.30 17.28 15.21
CA THR A 120 3.63 16.95 13.82
C THR A 120 4.40 18.14 13.25
N VAL A 121 5.59 17.87 12.73
CA VAL A 121 6.42 18.91 12.14
C VAL A 121 6.55 18.67 10.63
N TYR A 122 5.86 19.49 9.85
CA TYR A 122 5.94 19.40 8.40
C TYR A 122 7.14 20.22 7.96
N GLN A 123 7.61 19.96 6.75
CA GLN A 123 8.78 20.65 6.21
C GLN A 123 10.03 20.50 7.08
N ALA A 124 10.16 19.32 7.68
CA ALA A 124 11.32 18.98 8.49
C ALA A 124 12.35 18.56 7.47
N ALA A 125 13.32 19.43 7.23
CA ALA A 125 14.33 19.18 6.22
C ALA A 125 15.54 18.47 6.74
N GLU A 126 16.23 17.81 5.82
CA GLU A 126 17.46 17.07 6.08
C GLU A 126 17.47 16.27 7.39
N VAL A 127 16.45 15.43 7.58
CA VAL A 127 16.35 14.58 8.76
C VAL A 127 17.53 13.60 8.82
N ARG A 128 18.17 13.51 9.98
CA ARG A 128 19.30 12.59 10.19
C ARG A 128 19.05 11.84 11.49
N LEU A 129 19.42 10.55 11.53
CA LEU A 129 19.21 9.70 12.70
C LEU A 129 20.56 9.46 13.35
N HIS A 130 20.62 9.44 14.68
CA HIS A 130 21.90 9.26 15.39
C HIS A 130 21.81 8.29 16.55
N ASP A 131 22.95 7.71 16.91
CA ASP A 131 23.08 6.77 18.01
C ASP A 131 22.02 5.68 18.03
N LEU A 132 21.76 5.10 16.86
CA LEU A 132 20.75 4.04 16.71
C LEU A 132 20.94 2.84 17.63
N GLN A 133 22.17 2.52 17.98
CA GLN A 133 22.44 1.39 18.85
C GLN A 133 22.72 1.81 20.29
N GLY A 134 22.37 3.03 20.62
CA GLY A 134 22.58 3.50 21.96
C GLY A 134 21.32 3.32 22.81
N GLU A 135 21.41 3.79 24.04
CA GLU A 135 20.29 3.72 24.96
C GLU A 135 19.39 4.90 24.62
N ARG A 136 20.01 5.99 24.19
CA ARG A 136 19.25 7.17 23.84
C ARG A 136 19.54 7.71 22.42
N PRO A 137 18.78 7.23 21.43
CA PRO A 137 18.97 7.69 20.05
C PRO A 137 18.36 9.09 19.89
N TYR A 138 18.69 9.77 18.80
CA TYR A 138 18.12 11.10 18.55
C TYR A 138 18.04 11.41 17.07
N VAL A 139 17.18 12.36 16.72
CA VAL A 139 16.96 12.78 15.35
C VAL A 139 17.25 14.28 15.22
N THR A 140 17.91 14.68 14.14
CA THR A 140 18.17 16.11 13.92
C THR A 140 17.53 16.47 12.59
N PHE A 141 17.08 17.71 12.48
CA PHE A 141 16.43 18.16 11.29
C PHE A 141 16.48 19.68 11.29
N GLU A 142 16.12 20.29 10.17
CA GLU A 142 16.13 21.74 10.06
C GLU A 142 14.73 22.26 9.85
N ARG A 143 14.37 23.29 10.60
CA ARG A 143 13.07 23.92 10.49
C ARG A 143 13.40 25.40 10.34
N ASP A 144 12.95 26.03 9.26
CA ASP A 144 13.20 27.45 9.00
C ASP A 144 14.67 27.77 8.66
N GLY A 145 15.56 26.83 8.96
CA GLY A 145 16.97 27.04 8.71
C GLY A 145 17.71 26.70 9.98
N GLU A 146 16.96 26.49 11.05
CA GLU A 146 17.52 26.14 12.35
C GLU A 146 17.55 24.63 12.44
N ARG A 147 18.65 24.09 12.95
CA ARG A 147 18.82 22.65 13.11
C ARG A 147 18.38 22.29 14.53
N LEU A 148 17.33 21.47 14.65
CA LEU A 148 16.82 21.05 15.95
C LEU A 148 17.17 19.61 16.24
N ARG A 149 17.18 19.25 17.52
CA ARG A 149 17.48 17.90 17.94
C ARG A 149 16.28 17.36 18.71
N LEU A 150 15.86 16.14 18.37
CA LEU A 150 14.75 15.49 19.03
C LEU A 150 15.26 14.20 19.68
N ASP A 151 15.25 14.18 21.00
CA ASP A 151 15.70 12.99 21.74
C ASP A 151 14.51 12.05 21.87
N CYS A 152 14.78 10.75 21.85
CA CYS A 152 13.70 9.78 21.94
C CYS A 152 14.20 8.42 22.42
N ASP A 153 13.29 7.47 22.55
CA ASP A 153 13.65 6.12 22.97
C ASP A 153 13.75 5.23 21.73
N TYR A 154 12.79 5.38 20.83
CA TYR A 154 12.73 4.58 19.61
C TYR A 154 12.38 5.44 18.44
N ILE A 155 12.77 4.99 17.25
CA ILE A 155 12.48 5.69 16.02
C ILE A 155 11.80 4.72 15.07
N ALA A 156 10.69 5.15 14.48
CA ALA A 156 9.95 4.35 13.52
C ALA A 156 10.16 4.98 12.15
N GLY A 157 10.80 4.25 11.25
CA GLY A 157 11.02 4.75 9.90
C GLY A 157 9.82 4.46 9.02
N CYS A 158 8.97 5.45 8.85
CA CYS A 158 7.76 5.34 8.05
C CYS A 158 7.85 6.33 6.90
N ASP A 159 9.05 6.46 6.36
CA ASP A 159 9.34 7.40 5.30
C ASP A 159 9.37 6.91 3.86
N GLY A 160 8.75 5.76 3.63
CA GLY A 160 8.69 5.23 2.28
C GLY A 160 9.98 4.74 1.66
N PHE A 161 9.87 4.33 0.40
CA PHE A 161 10.99 3.77 -0.35
C PHE A 161 12.25 4.63 -0.40
N HIS A 162 12.10 5.93 -0.52
CA HIS A 162 13.25 6.83 -0.59
C HIS A 162 13.54 7.54 0.71
N GLY A 163 13.04 7.02 1.82
CA GLY A 163 13.30 7.66 3.09
C GLY A 163 14.73 7.56 3.57
N ILE A 164 15.05 8.36 4.57
CA ILE A 164 16.38 8.38 5.15
C ILE A 164 16.61 7.23 6.12
N SER A 165 15.56 6.67 6.69
CA SER A 165 15.73 5.61 7.68
C SER A 165 16.38 4.31 7.20
N ARG A 166 15.96 3.79 6.05
CA ARG A 166 16.59 2.56 5.58
C ARG A 166 18.04 2.85 5.21
N GLN A 167 18.29 4.07 4.72
CA GLN A 167 19.63 4.50 4.34
C GLN A 167 20.53 4.63 5.57
N SER A 168 19.93 4.81 6.74
CA SER A 168 20.68 4.99 7.97
C SER A 168 21.23 3.73 8.64
N ILE A 169 20.85 2.57 8.10
CA ILE A 169 21.33 1.30 8.64
C ILE A 169 22.58 0.93 7.83
N PRO A 170 23.65 0.47 8.52
CA PRO A 170 24.88 0.09 7.83
C PRO A 170 24.52 -0.96 6.76
N ALA A 171 24.78 -0.60 5.51
CA ALA A 171 24.45 -1.44 4.36
C ALA A 171 24.78 -2.90 4.55
N GLU A 172 25.90 -3.17 5.20
CA GLU A 172 26.32 -4.54 5.43
C GLU A 172 25.44 -5.32 6.39
N ARG A 173 24.51 -4.63 7.05
CA ARG A 173 23.60 -5.31 7.96
C ARG A 173 22.31 -5.71 7.26
N LEU A 174 22.06 -5.13 6.10
CA LEU A 174 20.84 -5.42 5.34
C LEU A 174 21.02 -6.38 4.19
N LYS A 175 20.01 -7.22 3.96
CA LYS A 175 20.00 -8.17 2.85
C LYS A 175 18.79 -7.77 2.01
N VAL A 176 19.04 -7.32 0.79
CA VAL A 176 18.01 -6.88 -0.14
C VAL A 176 17.61 -7.90 -1.19
N PHE A 177 16.30 -7.98 -1.47
CA PHE A 177 15.76 -8.89 -2.47
C PHE A 177 14.94 -7.95 -3.33
N GLU A 178 15.21 -7.93 -4.64
CA GLU A 178 14.52 -7.01 -5.52
C GLU A 178 14.26 -7.59 -6.90
N ARG A 179 13.17 -7.15 -7.51
CA ARG A 179 12.76 -7.57 -8.84
C ARG A 179 12.07 -6.36 -9.45
N VAL A 180 12.53 -5.95 -10.62
CA VAL A 180 11.90 -4.81 -11.30
C VAL A 180 11.15 -5.38 -12.51
N TYR A 181 9.94 -4.90 -12.71
CA TYR A 181 9.14 -5.39 -13.82
C TYR A 181 9.37 -4.49 -15.04
N PRO A 182 9.30 -5.07 -16.24
CA PRO A 182 9.51 -4.34 -17.49
C PRO A 182 8.32 -3.50 -17.97
N PHE A 183 7.53 -2.99 -17.03
CA PHE A 183 6.37 -2.19 -17.40
C PHE A 183 5.92 -1.39 -16.18
N GLY A 184 5.06 -0.41 -16.43
CA GLY A 184 4.53 0.41 -15.37
C GLY A 184 3.02 0.43 -15.54
N TRP A 185 2.32 1.14 -14.66
CA TRP A 185 0.87 1.26 -14.77
C TRP A 185 0.57 2.72 -14.99
N LEU A 186 -0.24 3.01 -16.00
CA LEU A 186 -0.69 4.36 -16.26
C LEU A 186 -2.09 4.41 -15.62
N GLY A 187 -2.23 5.22 -14.56
CA GLY A 187 -3.50 5.33 -13.87
C GLY A 187 -4.24 6.62 -14.16
N LEU A 188 -5.56 6.57 -14.17
CA LEU A 188 -6.36 7.76 -14.43
C LEU A 188 -7.52 7.83 -13.44
N LEU A 189 -7.67 8.97 -12.75
CA LEU A 189 -8.76 9.19 -11.80
C LEU A 189 -9.78 10.07 -12.51
N ALA A 190 -11.04 9.65 -12.53
CA ALA A 190 -12.10 10.42 -13.20
C ALA A 190 -13.35 10.55 -12.33
N ASP A 191 -14.06 11.67 -12.49
CA ASP A 191 -15.28 11.92 -11.72
C ASP A 191 -16.45 11.29 -12.46
N THR A 192 -16.36 10.00 -12.74
CA THR A 192 -17.41 9.31 -13.46
C THR A 192 -17.84 8.05 -12.70
N PRO A 193 -19.06 7.55 -12.98
CA PRO A 193 -19.54 6.34 -12.30
C PRO A 193 -18.69 5.15 -12.78
N PRO A 194 -18.34 4.23 -11.86
CA PRO A 194 -17.55 3.05 -12.19
C PRO A 194 -18.31 2.19 -13.19
N VAL A 195 -17.58 1.48 -14.06
CA VAL A 195 -18.21 0.63 -15.06
C VAL A 195 -18.77 -0.65 -14.42
N SER A 196 -18.33 -0.96 -13.20
CA SER A 196 -18.79 -2.13 -12.48
C SER A 196 -18.85 -1.88 -10.98
N HIS A 197 -19.64 -2.67 -10.28
CA HIS A 197 -19.76 -2.53 -8.83
C HIS A 197 -18.67 -3.26 -8.09
N GLU A 198 -17.87 -4.00 -8.87
CA GLU A 198 -16.74 -4.72 -8.34
C GLU A 198 -15.62 -4.48 -9.33
N LEU A 199 -14.40 -4.73 -8.89
CA LEU A 199 -13.22 -4.53 -9.71
C LEU A 199 -13.09 -5.57 -10.82
N ILE A 200 -12.54 -5.13 -11.94
CA ILE A 200 -12.32 -6.01 -13.07
C ILE A 200 -10.85 -5.94 -13.46
N TYR A 201 -10.12 -7.03 -13.23
CA TYR A 201 -8.71 -7.13 -13.60
C TYR A 201 -8.78 -7.79 -14.97
N ALA A 202 -8.14 -7.23 -15.97
CA ALA A 202 -8.22 -7.83 -17.29
C ALA A 202 -6.87 -8.16 -17.91
N ASN A 203 -6.72 -9.40 -18.36
CA ASN A 203 -5.50 -9.81 -19.03
C ASN A 203 -5.94 -9.76 -20.50
N HIS A 204 -5.31 -8.88 -21.26
CA HIS A 204 -5.65 -8.74 -22.66
C HIS A 204 -4.36 -8.84 -23.46
N PRO A 205 -4.45 -9.28 -24.72
CA PRO A 205 -3.24 -9.39 -25.54
C PRO A 205 -2.48 -8.06 -25.64
N ARG A 206 -3.20 -6.95 -25.62
CA ARG A 206 -2.59 -5.62 -25.70
C ARG A 206 -1.96 -5.22 -24.39
N GLY A 207 -2.23 -5.99 -23.34
CA GLY A 207 -1.70 -5.68 -22.03
C GLY A 207 -2.78 -5.63 -20.97
N PHE A 208 -2.36 -5.56 -19.72
CA PHE A 208 -3.24 -5.53 -18.57
C PHE A 208 -4.07 -4.25 -18.44
N ALA A 209 -5.27 -4.36 -17.87
CA ALA A 209 -6.16 -3.23 -17.62
C ALA A 209 -6.90 -3.53 -16.31
N LEU A 210 -7.18 -2.50 -15.54
CA LEU A 210 -7.88 -2.65 -14.27
C LEU A 210 -8.95 -1.57 -14.11
N CYS A 211 -10.18 -1.98 -13.80
CA CYS A 211 -11.30 -1.07 -13.59
C CYS A 211 -11.59 -1.05 -12.10
N SER A 212 -11.31 0.09 -11.48
CA SER A 212 -11.54 0.22 -10.07
C SER A 212 -12.40 1.45 -9.81
N GLN A 213 -12.54 1.82 -8.54
CA GLN A 213 -13.40 2.93 -8.16
C GLN A 213 -13.00 3.52 -6.82
N ARG A 214 -13.63 4.64 -6.47
CA ARG A 214 -13.39 5.33 -5.20
C ARG A 214 -14.75 5.56 -4.54
N SER A 215 -15.79 5.70 -5.35
CA SER A 215 -17.13 5.93 -4.86
C SER A 215 -18.07 5.63 -6.01
N ALA A 216 -19.33 6.00 -5.86
CA ALA A 216 -20.35 5.78 -6.89
C ALA A 216 -20.20 6.76 -8.06
N THR A 217 -19.48 7.85 -7.85
CA THR A 217 -19.26 8.84 -8.89
C THR A 217 -17.78 9.14 -9.10
N ARG A 218 -16.92 8.21 -8.70
CA ARG A 218 -15.50 8.37 -8.89
C ARG A 218 -14.83 7.04 -9.22
N SER A 219 -14.23 6.99 -10.40
CA SER A 219 -13.57 5.80 -10.93
C SER A 219 -12.07 5.93 -10.98
N ARG A 220 -11.38 4.79 -10.99
CA ARG A 220 -9.92 4.77 -11.03
C ARG A 220 -9.57 3.61 -11.98
N TYR A 221 -8.95 3.94 -13.11
CA TYR A 221 -8.57 2.93 -14.12
C TYR A 221 -7.07 2.89 -14.31
N TYR A 222 -6.56 1.77 -14.78
CA TYR A 222 -5.12 1.60 -15.03
C TYR A 222 -4.90 0.76 -16.26
N VAL A 223 -3.80 1.01 -16.96
CA VAL A 223 -3.44 0.21 -18.12
C VAL A 223 -1.93 0.00 -18.02
N GLN A 224 -1.50 -1.20 -18.38
CA GLN A 224 -0.08 -1.53 -18.39
C GLN A 224 0.56 -0.75 -19.56
N VAL A 225 1.73 -0.16 -19.33
CA VAL A 225 2.45 0.56 -20.38
C VAL A 225 3.96 0.30 -20.20
N PRO A 226 4.73 0.38 -21.31
CA PRO A 226 6.18 0.15 -21.28
C PRO A 226 6.83 1.26 -20.45
N LEU A 227 7.97 0.96 -19.85
CA LEU A 227 8.66 1.94 -19.03
C LEU A 227 9.19 3.15 -19.82
N THR A 228 9.13 3.08 -21.16
CA THR A 228 9.59 4.17 -21.99
C THR A 228 8.55 5.28 -22.22
N GLU A 229 7.31 5.02 -21.84
CA GLU A 229 6.23 5.99 -22.04
C GLU A 229 6.26 7.14 -21.03
N LYS A 230 5.76 8.29 -21.46
CA LYS A 230 5.68 9.43 -20.59
C LYS A 230 4.23 9.90 -20.62
N VAL A 231 3.71 10.21 -19.44
CA VAL A 231 2.34 10.63 -19.30
C VAL A 231 1.89 11.72 -20.26
N GLU A 232 2.78 12.63 -20.63
CA GLU A 232 2.39 13.69 -21.56
C GLU A 232 2.07 13.14 -22.97
N ASP A 233 2.44 11.89 -23.23
CA ASP A 233 2.17 11.22 -24.50
C ASP A 233 0.75 10.64 -24.49
N TRP A 234 0.11 10.66 -23.33
CA TRP A 234 -1.21 10.09 -23.18
C TRP A 234 -2.33 11.06 -22.84
N SER A 235 -3.03 11.53 -23.86
CA SER A 235 -4.16 12.43 -23.62
C SER A 235 -5.27 11.57 -23.02
N ASP A 236 -6.30 12.22 -22.45
CA ASP A 236 -7.42 11.48 -21.86
C ASP A 236 -8.04 10.61 -22.94
N GLU A 237 -8.21 11.21 -24.11
CA GLU A 237 -8.76 10.57 -25.28
C GLU A 237 -8.01 9.28 -25.64
N ARG A 238 -6.69 9.34 -25.60
CA ARG A 238 -5.85 8.19 -25.92
C ARG A 238 -6.02 7.09 -24.88
N PHE A 239 -6.08 7.49 -23.62
CA PHE A 239 -6.26 6.54 -22.53
C PHE A 239 -7.57 5.76 -22.67
N TRP A 240 -8.69 6.48 -22.83
CA TRP A 240 -10.01 5.85 -22.96
C TRP A 240 -10.12 4.86 -24.10
N THR A 241 -9.58 5.25 -25.24
CA THR A 241 -9.58 4.41 -26.40
C THR A 241 -8.80 3.13 -26.13
N GLU A 242 -7.65 3.26 -25.47
CA GLU A 242 -6.82 2.10 -25.14
C GLU A 242 -7.50 1.20 -24.10
N LEU A 243 -8.09 1.81 -23.08
CA LEU A 243 -8.78 1.07 -22.03
C LEU A 243 -9.87 0.19 -22.67
N LYS A 244 -10.71 0.82 -23.49
CA LYS A 244 -11.80 0.12 -24.14
C LYS A 244 -11.33 -1.04 -24.98
N ALA A 245 -10.20 -0.86 -25.66
CA ALA A 245 -9.64 -1.91 -26.51
C ALA A 245 -9.20 -3.12 -25.70
N ARG A 246 -8.95 -2.94 -24.41
CA ARG A 246 -8.51 -4.03 -23.55
C ARG A 246 -9.62 -4.66 -22.70
N LEU A 247 -10.84 -4.17 -22.83
CA LEU A 247 -11.94 -4.70 -22.04
C LEU A 247 -12.96 -5.50 -22.85
N PRO A 248 -13.72 -6.38 -22.15
CA PRO A 248 -14.75 -7.17 -22.84
C PRO A 248 -15.72 -6.16 -23.44
N ALA A 249 -16.18 -6.39 -24.66
CA ALA A 249 -17.10 -5.48 -25.36
C ALA A 249 -18.30 -4.99 -24.54
N GLU A 250 -18.94 -5.89 -23.81
CA GLU A 250 -20.11 -5.53 -23.00
C GLU A 250 -19.72 -4.59 -21.90
N VAL A 251 -18.49 -4.68 -21.42
CA VAL A 251 -18.02 -3.78 -20.37
C VAL A 251 -17.67 -2.44 -21.02
N ALA A 252 -16.86 -2.51 -22.08
CA ALA A 252 -16.43 -1.33 -22.82
C ALA A 252 -17.59 -0.44 -23.27
N GLU A 253 -18.73 -1.05 -23.60
CA GLU A 253 -19.89 -0.27 -24.05
C GLU A 253 -20.69 0.41 -22.92
N LYS A 254 -20.49 -0.03 -21.69
CA LYS A 254 -21.17 0.55 -20.51
C LYS A 254 -20.34 1.69 -19.92
N LEU A 255 -19.09 1.76 -20.34
CA LEU A 255 -18.14 2.76 -19.84
C LEU A 255 -18.50 4.23 -20.06
N VAL A 256 -18.60 4.97 -18.96
CA VAL A 256 -18.87 6.40 -18.98
C VAL A 256 -17.47 7.02 -18.82
N THR A 257 -17.06 7.80 -19.81
CA THR A 257 -15.73 8.39 -19.78
C THR A 257 -15.83 9.86 -19.39
N GLY A 258 -14.68 10.49 -19.20
CA GLY A 258 -14.67 11.89 -18.83
C GLY A 258 -13.26 12.36 -18.61
N PRO A 259 -13.06 13.67 -18.35
CA PRO A 259 -11.75 14.27 -18.11
C PRO A 259 -11.08 13.75 -16.84
N SER A 260 -9.76 13.56 -16.91
CA SER A 260 -9.01 13.08 -15.77
C SER A 260 -8.83 14.13 -14.69
N LEU A 261 -8.91 13.68 -13.45
CA LEU A 261 -8.68 14.53 -12.29
C LEU A 261 -7.19 14.35 -11.96
N GLU A 262 -6.69 13.15 -12.22
CA GLU A 262 -5.29 12.80 -11.97
C GLU A 262 -4.90 11.73 -12.99
N LYS A 263 -3.64 11.74 -13.40
CA LYS A 263 -3.13 10.78 -14.37
C LYS A 263 -1.62 10.69 -14.19
N SER A 264 -1.08 9.49 -14.03
CA SER A 264 0.36 9.34 -13.84
C SER A 264 0.79 7.91 -14.06
N ILE A 265 2.09 7.72 -14.25
CA ILE A 265 2.65 6.40 -14.47
C ILE A 265 3.51 5.99 -13.29
N ALA A 266 3.26 4.80 -12.77
CA ALA A 266 4.00 4.27 -11.65
C ALA A 266 4.57 2.92 -12.09
N PRO A 267 5.90 2.76 -12.02
CA PRO A 267 6.59 1.52 -12.41
C PRO A 267 6.38 0.41 -11.36
N LEU A 268 6.50 -0.84 -11.79
CA LEU A 268 6.30 -1.98 -10.89
C LEU A 268 7.60 -2.57 -10.35
N ARG A 269 7.58 -2.94 -9.07
CA ARG A 269 8.75 -3.49 -8.42
C ARG A 269 8.41 -4.30 -7.18
N SER A 270 9.27 -5.27 -6.85
CA SER A 270 9.14 -6.10 -5.66
C SER A 270 10.44 -5.78 -4.93
N PHE A 271 10.36 -5.61 -3.62
CA PHE A 271 11.53 -5.27 -2.84
C PHE A 271 11.32 -5.64 -1.38
N VAL A 272 12.29 -6.32 -0.80
CA VAL A 272 12.24 -6.73 0.60
C VAL A 272 13.65 -6.59 1.18
N VAL A 273 13.73 -6.08 2.41
CA VAL A 273 15.02 -5.96 3.07
C VAL A 273 14.89 -6.76 4.35
N GLU A 274 15.98 -7.44 4.73
CA GLU A 274 15.99 -8.24 5.95
C GLU A 274 17.28 -7.98 6.69
N PRO A 275 17.22 -7.65 8.00
CA PRO A 275 16.02 -7.48 8.83
C PRO A 275 15.32 -6.15 8.54
N MET A 276 14.36 -5.78 9.38
CA MET A 276 13.61 -4.53 9.20
C MET A 276 13.84 -3.62 10.40
N GLN A 277 14.95 -3.83 11.10
CA GLN A 277 15.25 -3.02 12.27
C GLN A 277 16.76 -3.02 12.50
N HIS A 278 17.20 -2.09 13.33
CA HIS A 278 18.59 -1.91 13.67
C HIS A 278 18.63 -1.09 14.95
N GLY A 279 18.99 -1.70 16.07
CA GLY A 279 19.04 -0.98 17.33
C GLY A 279 17.66 -0.44 17.70
N ARG A 280 17.55 0.87 17.92
CA ARG A 280 16.30 1.52 18.29
C ARG A 280 15.47 1.97 17.08
N LEU A 281 15.89 1.58 15.89
CA LEU A 281 15.18 1.94 14.66
C LEU A 281 14.40 0.76 14.09
N PHE A 282 13.13 0.98 13.78
CA PHE A 282 12.24 -0.04 13.19
C PHE A 282 11.65 0.53 11.91
N LEU A 283 11.80 -0.21 10.81
CA LEU A 283 11.26 0.22 9.50
C LEU A 283 9.84 -0.32 9.35
N ALA A 284 8.98 0.44 8.68
CA ALA A 284 7.61 0.02 8.48
C ALA A 284 7.08 0.57 7.17
N GLY A 285 6.23 -0.21 6.50
CA GLY A 285 5.65 0.22 5.25
C GLY A 285 6.64 0.16 4.10
N ASP A 286 6.49 1.08 3.14
CA ASP A 286 7.34 1.17 1.96
C ASP A 286 8.83 1.37 2.24
N ALA A 287 9.17 1.79 3.46
CA ALA A 287 10.57 1.97 3.85
C ALA A 287 11.28 0.61 3.91
N ALA A 288 10.51 -0.45 4.12
CA ALA A 288 11.06 -1.79 4.23
C ALA A 288 10.76 -2.74 3.08
N HIS A 289 9.69 -2.49 2.32
CA HIS A 289 9.30 -3.38 1.24
C HIS A 289 8.36 -2.73 0.25
N ILE A 290 8.39 -3.26 -0.97
CA ILE A 290 7.57 -2.77 -2.06
C ILE A 290 6.95 -3.98 -2.76
N VAL A 291 5.68 -3.86 -3.14
CA VAL A 291 5.01 -4.93 -3.87
C VAL A 291 4.36 -4.31 -5.11
N PRO A 292 4.29 -5.05 -6.22
CA PRO A 292 3.64 -4.43 -7.38
C PRO A 292 2.16 -4.27 -6.93
N PRO A 293 1.47 -3.21 -7.38
CA PRO A 293 0.08 -2.99 -6.99
C PRO A 293 -0.99 -4.02 -7.39
N THR A 294 -0.63 -4.97 -8.23
CA THR A 294 -1.57 -5.98 -8.72
C THR A 294 -2.41 -6.66 -7.63
N GLY A 295 -1.81 -6.93 -6.47
CA GLY A 295 -2.55 -7.56 -5.40
C GLY A 295 -3.10 -6.64 -4.32
N ALA A 296 -2.95 -5.33 -4.50
CA ALA A 296 -3.41 -4.29 -3.55
C ALA A 296 -2.84 -4.44 -2.14
N LYS A 297 -1.61 -4.96 -2.03
CA LYS A 297 -0.99 -5.22 -0.71
C LYS A 297 -0.09 -4.15 -0.09
N GLY A 298 0.30 -3.15 -0.86
CA GLY A 298 1.20 -2.13 -0.33
C GLY A 298 0.75 -1.47 0.96
N LEU A 299 -0.39 -0.78 0.88
CA LEU A 299 -0.96 -0.08 2.02
C LEU A 299 -1.32 -1.08 3.11
N ASN A 300 -1.79 -2.25 2.70
CA ASN A 300 -2.16 -3.29 3.61
C ASN A 300 -1.02 -3.90 4.41
N LEU A 301 0.16 -3.96 3.81
CA LEU A 301 1.34 -4.48 4.51
C LEU A 301 1.85 -3.39 5.48
N ALA A 302 1.70 -2.13 5.09
CA ALA A 302 2.09 -1.03 5.97
C ALA A 302 1.25 -1.18 7.24
N ALA A 303 -0.05 -1.43 7.06
CA ALA A 303 -0.98 -1.60 8.18
C ALA A 303 -0.54 -2.73 9.14
N SER A 304 -0.25 -3.92 8.61
CA SER A 304 0.19 -5.02 9.46
C SER A 304 1.54 -4.78 10.16
N ASP A 305 2.46 -4.06 9.51
CA ASP A 305 3.75 -3.75 10.16
C ASP A 305 3.45 -2.83 11.35
N VAL A 306 2.65 -1.79 11.11
CA VAL A 306 2.26 -0.82 12.14
C VAL A 306 1.52 -1.50 13.30
N SER A 307 0.60 -2.42 12.98
CA SER A 307 -0.13 -3.12 14.01
C SER A 307 0.87 -3.88 14.88
N THR A 308 1.81 -4.58 14.24
CA THR A 308 2.84 -5.34 14.96
C THR A 308 3.75 -4.45 15.79
N LEU A 309 4.21 -3.35 15.22
CA LEU A 309 5.10 -2.42 15.95
C LEU A 309 4.37 -1.77 17.15
N TYR A 310 3.14 -1.34 16.93
CA TYR A 310 2.32 -0.72 17.97
C TYR A 310 2.12 -1.68 19.15
N ARG A 311 1.71 -2.91 18.87
CA ARG A 311 1.51 -3.88 19.93
C ARG A 311 2.77 -4.25 20.69
N LEU A 312 3.91 -4.27 20.00
CA LEU A 312 5.18 -4.56 20.66
C LEU A 312 5.62 -3.38 21.51
N LEU A 313 5.36 -2.16 21.05
CA LEU A 313 5.73 -0.96 21.81
C LEU A 313 4.85 -0.84 23.05
N LEU A 314 3.61 -1.31 22.95
CA LEU A 314 2.67 -1.31 24.07
C LEU A 314 3.20 -2.23 25.16
N LYS A 315 3.67 -3.41 24.78
CA LYS A 315 4.24 -4.35 25.74
C LYS A 315 5.47 -3.71 26.39
N ALA A 316 6.32 -3.06 25.58
CA ALA A 316 7.53 -2.41 26.08
C ALA A 316 7.26 -1.29 27.07
N TYR A 317 6.31 -0.41 26.74
CA TYR A 317 5.99 0.72 27.61
C TYR A 317 5.05 0.38 28.76
N ARG A 318 3.98 -0.34 28.46
CA ARG A 318 3.01 -0.69 29.49
C ARG A 318 3.47 -1.79 30.43
N GLU A 319 4.10 -2.82 29.89
CA GLU A 319 4.50 -3.94 30.71
C GLU A 319 5.97 -4.11 30.96
N GLY A 320 6.76 -3.16 30.46
CA GLY A 320 8.20 -3.24 30.64
C GLY A 320 8.84 -4.42 29.95
N ARG A 321 8.20 -4.95 28.90
CA ARG A 321 8.73 -6.10 28.15
C ARG A 321 9.46 -5.65 26.89
N GLY A 322 10.51 -4.85 27.05
CA GLY A 322 11.26 -4.34 25.91
C GLY A 322 11.87 -5.40 24.99
N GLU A 323 12.20 -6.56 25.54
CA GLU A 323 12.81 -7.66 24.77
C GLU A 323 11.98 -8.11 23.57
N LEU A 324 10.66 -8.03 23.69
CA LEU A 324 9.78 -8.47 22.63
C LEU A 324 10.03 -7.74 21.31
N LEU A 325 10.54 -6.51 21.38
CA LEU A 325 10.81 -5.72 20.19
C LEU A 325 11.80 -6.37 19.23
N GLU A 326 12.60 -7.30 19.74
CA GLU A 326 13.58 -8.01 18.91
C GLU A 326 12.90 -8.93 17.91
N ARG A 327 11.65 -9.28 18.18
CA ARG A 327 10.89 -10.19 17.34
C ARG A 327 10.12 -9.48 16.22
N TYR A 328 10.18 -8.15 16.19
CA TYR A 328 9.48 -7.39 15.18
C TYR A 328 9.68 -7.87 13.73
N SER A 329 10.94 -7.95 13.30
CA SER A 329 11.24 -8.36 11.91
C SER A 329 10.74 -9.74 11.54
N ALA A 330 10.95 -10.70 12.43
CA ALA A 330 10.52 -12.08 12.19
C ALA A 330 9.02 -12.18 11.98
N ILE A 331 8.26 -11.48 12.82
CA ILE A 331 6.81 -11.51 12.72
C ILE A 331 6.37 -10.87 11.40
N CYS A 332 6.87 -9.68 11.11
CA CYS A 332 6.48 -8.99 9.88
C CYS A 332 6.90 -9.70 8.61
N LEU A 333 8.14 -10.21 8.58
CA LEU A 333 8.64 -10.87 7.38
C LEU A 333 7.84 -12.07 6.95
N ARG A 334 7.26 -12.79 7.90
CA ARG A 334 6.44 -13.96 7.58
C ARG A 334 5.23 -13.53 6.75
N ARG A 335 4.60 -12.43 7.15
CA ARG A 335 3.44 -11.95 6.41
C ARG A 335 3.85 -11.31 5.09
N ILE A 336 4.93 -10.52 5.14
CA ILE A 336 5.46 -9.83 3.97
C ILE A 336 5.79 -10.78 2.80
N TRP A 337 6.53 -11.85 3.09
CA TRP A 337 6.88 -12.81 2.05
C TRP A 337 5.67 -13.49 1.43
N LYS A 338 4.65 -13.79 2.21
CA LYS A 338 3.45 -14.40 1.65
C LYS A 338 2.71 -13.41 0.76
N ALA A 339 2.70 -12.14 1.15
CA ALA A 339 2.02 -11.12 0.34
C ALA A 339 2.84 -10.83 -0.92
N GLU A 340 4.17 -10.91 -0.82
CA GLU A 340 5.05 -10.70 -1.98
C GLU A 340 4.83 -11.84 -2.99
N ARG A 341 4.68 -13.05 -2.49
CA ARG A 341 4.45 -14.20 -3.35
C ARG A 341 3.14 -14.05 -4.12
N PHE A 342 2.08 -13.64 -3.43
CA PHE A 342 0.77 -13.44 -4.06
C PHE A 342 0.78 -12.31 -5.09
N SER A 343 1.36 -11.17 -4.74
CA SER A 343 1.46 -10.01 -5.65
C SER A 343 2.27 -10.36 -6.90
N TRP A 344 3.31 -11.16 -6.70
CA TRP A 344 4.14 -11.62 -7.80
C TRP A 344 3.31 -12.53 -8.72
N TRP A 345 2.59 -13.49 -8.12
CA TRP A 345 1.76 -14.42 -8.89
C TRP A 345 0.70 -13.63 -9.68
N MET A 346 -0.02 -12.75 -8.99
CA MET A 346 -1.06 -11.89 -9.57
C MET A 346 -0.47 -11.17 -10.78
N THR A 347 0.68 -10.57 -10.60
CA THR A 347 1.36 -9.83 -11.64
C THR A 347 1.74 -10.71 -12.83
N SER A 348 2.33 -11.87 -12.54
CA SER A 348 2.74 -12.73 -13.65
C SER A 348 1.60 -13.31 -14.47
N VAL A 349 0.42 -13.52 -13.88
CA VAL A 349 -0.68 -14.09 -14.66
C VAL A 349 -1.54 -13.07 -15.39
N LEU A 350 -1.51 -11.81 -14.93
CA LEU A 350 -2.33 -10.77 -15.56
C LEU A 350 -1.64 -9.85 -16.58
N HIS A 351 -0.31 -9.77 -16.52
CA HIS A 351 0.42 -8.89 -17.44
C HIS A 351 1.02 -9.57 -18.64
N ARG A 352 1.25 -8.78 -19.67
CA ARG A 352 1.90 -9.26 -20.88
C ARG A 352 3.36 -8.89 -20.76
N PHE A 353 4.22 -9.89 -20.73
CA PHE A 353 5.64 -9.68 -20.58
C PHE A 353 6.33 -9.66 -21.95
N PRO A 354 7.36 -8.81 -22.11
CA PRO A 354 8.06 -8.76 -23.39
C PRO A 354 8.90 -10.03 -23.57
N ASP A 355 9.09 -10.45 -24.81
CA ASP A 355 9.91 -11.63 -25.11
C ASP A 355 9.43 -12.91 -24.42
N THR A 356 8.14 -13.24 -24.59
CA THR A 356 7.59 -14.44 -23.99
C THR A 356 7.45 -15.47 -25.10
N ASP A 357 8.00 -16.67 -24.89
CA ASP A 357 7.87 -17.70 -25.92
C ASP A 357 6.49 -18.33 -25.88
N ALA A 358 6.17 -19.10 -26.91
CA ALA A 358 4.88 -19.76 -27.03
C ALA A 358 4.52 -20.62 -25.82
N PHE A 359 5.47 -21.40 -25.31
CA PHE A 359 5.19 -22.24 -24.17
C PHE A 359 4.69 -21.40 -22.97
N SER A 360 5.43 -20.34 -22.61
CA SER A 360 5.06 -19.49 -21.47
C SER A 360 3.69 -18.83 -21.60
N GLN A 361 3.33 -18.39 -22.80
CA GLN A 361 2.04 -17.74 -23.02
C GLN A 361 0.95 -18.76 -22.74
N ARG A 362 1.11 -19.97 -23.27
CA ARG A 362 0.14 -21.03 -23.04
C ARG A 362 0.03 -21.38 -21.56
N ILE A 363 1.16 -21.44 -20.85
CA ILE A 363 1.14 -21.75 -19.41
C ILE A 363 0.42 -20.65 -18.63
N GLN A 364 0.62 -19.39 -19.04
CA GLN A 364 -0.03 -18.25 -18.39
C GLN A 364 -1.54 -18.34 -18.54
N GLN A 365 -1.97 -18.74 -19.73
CA GLN A 365 -3.39 -18.88 -19.96
C GLN A 365 -3.95 -20.05 -19.16
N THR A 366 -3.22 -21.16 -19.12
CA THR A 366 -3.63 -22.35 -18.38
C THR A 366 -3.70 -22.08 -16.87
N GLU A 367 -2.79 -21.24 -16.36
CA GLU A 367 -2.80 -20.87 -14.94
C GLU A 367 -4.17 -20.23 -14.63
N LEU A 368 -4.58 -19.30 -15.48
CA LEU A 368 -5.86 -18.62 -15.30
C LEU A 368 -7.00 -19.62 -15.35
N GLU A 369 -7.01 -20.45 -16.38
CA GLU A 369 -8.06 -21.44 -16.54
C GLU A 369 -8.14 -22.38 -15.36
N TYR A 370 -6.99 -22.84 -14.88
CA TYR A 370 -6.99 -23.74 -13.76
C TYR A 370 -7.49 -23.07 -12.49
N TYR A 371 -6.84 -21.97 -12.12
CA TYR A 371 -7.20 -21.27 -10.87
C TYR A 371 -8.61 -20.72 -10.80
N LEU A 372 -9.12 -20.25 -11.92
CA LEU A 372 -10.47 -19.70 -11.97
C LEU A 372 -11.53 -20.77 -12.20
N GLY A 373 -11.10 -22.01 -12.45
CA GLY A 373 -12.05 -23.08 -12.70
C GLY A 373 -12.13 -24.15 -11.64
N SER A 374 -11.27 -24.06 -10.63
CA SER A 374 -11.24 -25.05 -9.56
C SER A 374 -11.62 -24.41 -8.24
N GLU A 375 -12.44 -25.09 -7.45
CA GLU A 375 -12.85 -24.60 -6.14
C GLU A 375 -11.65 -24.32 -5.26
N ALA A 376 -10.70 -25.26 -5.25
CA ALA A 376 -9.48 -25.13 -4.47
C ALA A 376 -8.66 -23.96 -5.04
N GLY A 377 -8.61 -23.86 -6.36
CA GLY A 377 -7.88 -22.78 -7.01
C GLY A 377 -8.45 -21.41 -6.66
N LEU A 378 -9.77 -21.26 -6.73
CA LEU A 378 -10.44 -20.00 -6.40
C LEU A 378 -10.19 -19.62 -4.94
N ALA A 379 -10.19 -20.63 -4.08
CA ALA A 379 -9.94 -20.45 -2.66
C ALA A 379 -8.55 -19.86 -2.36
N THR A 380 -7.53 -20.28 -3.11
CA THR A 380 -6.17 -19.76 -2.89
C THR A 380 -6.12 -18.28 -3.24
N ILE A 381 -6.87 -17.88 -4.27
CA ILE A 381 -6.91 -16.48 -4.69
C ILE A 381 -7.67 -15.66 -3.64
N ALA A 382 -8.87 -16.12 -3.30
CA ALA A 382 -9.71 -15.43 -2.34
C ALA A 382 -9.09 -15.20 -0.96
N GLU A 383 -8.52 -16.25 -0.35
CA GLU A 383 -7.93 -16.11 0.98
C GLU A 383 -6.74 -15.15 1.00
N ASN A 384 -6.01 -15.09 -0.11
CA ASN A 384 -4.86 -14.22 -0.23
C ASN A 384 -5.33 -12.81 -0.51
N TYR A 385 -6.37 -12.68 -1.32
CA TYR A 385 -6.89 -11.36 -1.67
C TYR A 385 -7.56 -10.64 -0.51
N VAL A 386 -8.33 -11.36 0.31
CA VAL A 386 -8.98 -10.73 1.47
C VAL A 386 -7.90 -10.42 2.49
N GLY A 387 -6.81 -11.18 2.42
CA GLY A 387 -5.70 -10.98 3.33
C GLY A 387 -5.59 -12.06 4.37
N LEU A 388 -4.41 -12.64 4.50
CA LEU A 388 -4.16 -13.69 5.47
C LEU A 388 -4.24 -13.03 6.87
N PRO A 389 -4.67 -13.81 7.88
CA PRO A 389 -4.80 -13.28 9.25
C PRO A 389 -3.50 -12.75 9.91
N TYR A 390 -3.62 -11.68 10.68
CA TYR A 390 -2.48 -11.09 11.37
C TYR A 390 -2.01 -12.13 12.36
N GLU A 391 -0.71 -12.12 12.65
CA GLU A 391 -0.12 -13.06 13.59
C GLU A 391 -0.10 -12.50 15.02
#